data_9P16
#
_entry.id   9P16
#
_cell.length_a   93.073
_cell.length_b   93.073
_cell.length_c   130.561
_cell.angle_alpha   90
_cell.angle_beta   90
_cell.angle_gamma   120
#
_symmetry.space_group_name_H-M   'P 61 2 2'
#
loop_
_entity.id
_entity.type
_entity.pdbx_description
1 polymer Thermolysin
2 non-polymer 'ZINC ION'
3 non-polymer 'CALCIUM ION'
4 non-polymer 'PHOSPHATE ION'
5 water water
#
_entity_poly.entity_id   1
_entity_poly.type   'polypeptide(L)'
_entity_poly.pdbx_seq_one_letter_code
;ITGTSTVGVGRGVLGDQKNINTTYSTYYYLQDNTRGNGIFTYDAKYRTTLPGSLWADADNQFFASYDAPAVDAHYYAGVT
YDYYKNVHNRLSYDGNNAAIRSSVHYSQGYNNAFWNGSQMVYGDGDGQTFIPLSGGIDVVAHELTHAVTDYTAGLIYQNE
SGAINEAISDIFGTLVEFYANKNPDWEIGEDVYTPGISGDSLRSMSDPAKYGDPDHYSKRYTGTQDNGGVHINSGIINKA
AYLISQGGTHYGVSVVGIGRDKLGKIFYRALTQYLTPTSNFSQLRAAAVQSATDLYGSTSQEVASVKQAFDAVGVK
;
_entity_poly.pdbx_strand_id   A
#
loop_
_chem_comp.id
_chem_comp.type
_chem_comp.name
_chem_comp.formula
CA non-polymer 'CALCIUM ION' 'Ca 2'
PO4 non-polymer 'PHOSPHATE ION' 'O4 P -3'
ZN non-polymer 'ZINC ION' 'Zn 2'
#
# COMPACT_ATOMS: atom_id res chain seq x y z
N ILE A 1 -4.77 -4.76 -27.35
CA ILE A 1 -4.47 -5.74 -26.25
C ILE A 1 -4.09 -7.16 -26.71
N THR A 2 -4.37 -7.64 -27.93
CA THR A 2 -3.60 -8.79 -28.44
C THR A 2 -2.42 -8.20 -29.19
N GLY A 3 -1.18 -8.63 -28.88
CA GLY A 3 -0.02 -8.12 -29.60
C GLY A 3 1.26 -8.74 -29.06
N THR A 4 2.37 -8.13 -29.39
CA THR A 4 3.70 -8.62 -29.08
C THR A 4 4.20 -7.91 -27.81
N SER A 5 4.68 -8.70 -26.85
CA SER A 5 5.26 -8.17 -25.63
C SER A 5 6.59 -7.52 -25.93
N THR A 6 6.80 -6.31 -25.43
CA THR A 6 8.07 -5.66 -25.58
C THR A 6 8.31 -4.81 -24.36
N VAL A 7 9.37 -4.00 -24.45
CA VAL A 7 9.88 -3.27 -23.34
C VAL A 7 10.14 -1.87 -23.83
N GLY A 8 9.51 -0.92 -23.17
CA GLY A 8 9.73 0.49 -23.47
C GLY A 8 10.49 1.16 -22.35
N VAL A 9 10.72 2.45 -22.52
CA VAL A 9 11.50 3.19 -21.54
C VAL A 9 10.76 4.51 -21.31
N GLY A 10 10.77 4.96 -20.06
CA GLY A 10 10.24 6.26 -19.79
C GLY A 10 10.83 6.84 -18.51
N ARG A 11 10.22 7.95 -18.11
CA ARG A 11 10.62 8.65 -16.91
C ARG A 11 9.38 8.80 -16.07
N GLY A 12 9.58 8.55 -14.80
CA GLY A 12 8.56 8.65 -13.78
C GLY A 12 8.37 10.07 -13.31
N VAL A 13 7.45 10.18 -12.37
CA VAL A 13 7.08 11.46 -11.79
C VAL A 13 8.27 12.17 -11.17
N LEU A 14 9.16 11.43 -10.53
CA LEU A 14 10.31 12.03 -9.87
C LEU A 14 11.46 12.19 -10.87
N GLY A 15 11.27 11.93 -12.16
CA GLY A 15 12.31 12.17 -13.15
C GLY A 15 13.28 11.01 -13.35
N ASP A 16 13.03 9.85 -12.75
CA ASP A 16 13.90 8.69 -12.82
C ASP A 16 13.51 7.87 -14.05
N GLN A 17 14.51 7.30 -14.70
CA GLN A 17 14.32 6.56 -15.93
C GLN A 17 14.05 5.11 -15.56
N LYS A 18 13.03 4.50 -16.19
CA LYS A 18 12.79 3.09 -15.95
C LYS A 18 12.30 2.41 -17.22
N ASN A 19 12.49 1.09 -17.25
CA ASN A 19 12.00 0.24 -18.33
C ASN A 19 10.63 -0.25 -17.90
N ILE A 20 9.70 -0.28 -18.85
CA ILE A 20 8.35 -0.76 -18.56
C ILE A 20 7.95 -1.78 -19.61
N ASN A 21 7.15 -2.74 -19.20
CA ASN A 21 6.64 -3.78 -20.09
C ASN A 21 5.43 -3.25 -20.82
N THR A 22 5.52 -3.32 -22.14
CA THR A 22 4.48 -2.81 -23.01
C THR A 22 4.06 -3.92 -23.97
N THR A 23 3.02 -3.63 -24.73
CA THR A 23 2.49 -4.54 -25.72
C THR A 23 2.38 -3.76 -27.01
N TYR A 24 2.81 -4.37 -28.12
CA TYR A 24 2.76 -3.68 -29.38
C TYR A 24 1.70 -4.25 -30.31
N SER A 25 0.85 -3.37 -30.82
CA SER A 25 -0.13 -3.74 -31.81
C SER A 25 -0.60 -2.44 -32.43
N THR A 26 0.17 -1.99 -33.42
CA THR A 26 0.03 -0.70 -34.08
C THR A 26 0.58 0.40 -33.20
N TYR A 27 -0.02 0.56 -32.02
CA TYR A 27 0.56 1.33 -30.95
C TYR A 27 1.30 0.46 -29.93
N TYR A 28 2.05 1.10 -29.04
CA TYR A 28 2.60 0.45 -27.90
C TYR A 28 1.69 0.76 -26.72
N TYR A 29 1.17 -0.26 -26.05
CA TYR A 29 0.22 -0.02 -24.98
C TYR A 29 0.87 -0.35 -23.66
N LEU A 30 0.40 0.32 -22.61
CA LEU A 30 0.79 0.03 -21.25
C LEU A 30 0.03 -1.18 -20.77
N GLN A 31 0.53 -2.32 -21.25
CA GLN A 31 -0.04 -3.60 -20.96
C GLN A 31 1.12 -4.57 -20.79
N ASP A 32 1.28 -5.05 -19.55
CA ASP A 32 2.42 -5.86 -19.20
C ASP A 32 1.91 -7.27 -19.17
N ASN A 33 2.36 -8.11 -20.14
CA ASN A 33 1.88 -9.48 -20.22
C ASN A 33 2.72 -10.43 -19.39
N THR A 34 3.76 -9.93 -18.73
CA THR A 34 4.68 -10.82 -18.01
C THR A 34 4.16 -11.20 -16.63
N ARG A 35 3.13 -10.54 -16.11
CA ARG A 35 2.71 -10.78 -14.73
C ARG A 35 1.24 -11.16 -14.69
N GLY A 36 0.96 -12.44 -14.38
CA GLY A 36 -0.42 -12.90 -14.28
C GLY A 36 -1.18 -12.69 -15.57
N ASN A 37 -2.43 -12.26 -15.44
CA ASN A 37 -3.26 -11.99 -16.58
C ASN A 37 -3.03 -10.55 -17.04
N GLY A 38 -2.00 -9.89 -16.52
CA GLY A 38 -1.60 -8.63 -17.09
C GLY A 38 -1.80 -7.45 -16.13
N ILE A 39 -1.02 -6.44 -16.41
CA ILE A 39 -1.14 -5.16 -15.76
C ILE A 39 -1.43 -4.18 -16.86
N PHE A 40 -2.49 -3.42 -16.67
CA PHE A 40 -3.01 -2.52 -17.66
C PHE A 40 -3.09 -1.13 -17.05
N THR A 41 -2.61 -0.13 -17.77
CA THR A 41 -2.68 1.22 -17.30
C THR A 41 -3.44 2.06 -18.31
N TYR A 42 -4.36 2.87 -17.78
CA TYR A 42 -5.31 3.64 -18.55
C TYR A 42 -5.16 5.14 -18.29
N ASP A 43 -5.55 5.91 -19.29
CA ASP A 43 -5.62 7.34 -19.27
C ASP A 43 -7.07 7.71 -18.98
N ALA A 44 -7.32 8.36 -17.84
CA ALA A 44 -8.63 8.93 -17.56
C ALA A 44 -8.82 10.32 -18.13
N LYS A 45 -7.77 10.96 -18.66
CA LYS A 45 -7.88 12.17 -19.48
C LYS A 45 -8.55 13.31 -18.72
N TYR A 46 -8.26 13.40 -17.41
CA TYR A 46 -8.75 14.44 -16.54
C TYR A 46 -10.25 14.32 -16.25
N ARG A 47 -10.86 13.22 -16.65
CA ARG A 47 -12.27 12.97 -16.38
C ARG A 47 -12.36 11.98 -15.23
N THR A 48 -13.61 11.75 -14.81
CA THR A 48 -13.91 10.83 -13.72
C THR A 48 -14.56 9.56 -14.22
N THR A 49 -14.71 9.38 -15.54
CA THR A 49 -15.21 8.13 -16.07
C THR A 49 -14.08 7.11 -16.09
N LEU A 50 -14.40 5.88 -15.70
CA LEU A 50 -13.36 4.91 -15.50
C LEU A 50 -13.66 3.71 -16.36
N PRO A 51 -12.64 2.94 -16.81
CA PRO A 51 -11.22 3.24 -16.56
C PRO A 51 -10.60 4.28 -17.46
N GLY A 52 -11.30 4.66 -18.54
CA GLY A 52 -10.73 5.53 -19.55
C GLY A 52 -10.14 4.68 -20.69
N SER A 53 -9.09 5.17 -21.34
CA SER A 53 -8.52 4.53 -22.52
C SER A 53 -7.25 3.80 -22.15
N LEU A 54 -7.11 2.56 -22.62
CA LEU A 54 -5.84 1.87 -22.42
C LEU A 54 -4.74 2.73 -22.99
N TRP A 55 -3.66 2.91 -22.24
CA TRP A 55 -2.67 3.90 -22.60
C TRP A 55 -1.93 3.47 -23.88
N ALA A 56 -2.02 4.29 -24.92
CA ALA A 56 -1.39 4.02 -26.19
C ALA A 56 -0.32 5.05 -26.45
N ASP A 57 0.80 4.58 -27.01
CA ASP A 57 1.90 5.49 -27.27
C ASP A 57 2.48 5.07 -28.60
N ALA A 58 2.91 6.03 -29.41
CA ALA A 58 3.29 5.73 -30.77
C ALA A 58 4.69 5.11 -30.91
N ASP A 59 5.60 5.38 -29.98
CA ASP A 59 7.01 5.02 -30.19
C ASP A 59 7.64 4.25 -29.04
N ASN A 60 6.89 3.90 -27.96
CA ASN A 60 7.44 3.07 -26.88
C ASN A 60 8.45 3.82 -26.03
N GLN A 61 8.43 5.15 -26.10
CA GLN A 61 9.24 6.03 -25.30
C GLN A 61 8.28 6.93 -24.55
N PHE A 62 8.41 6.96 -23.23
CA PHE A 62 7.46 7.66 -22.38
C PHE A 62 8.18 8.72 -21.56
N PHE A 63 8.67 9.77 -22.24
CA PHE A 63 9.38 10.86 -21.61
C PHE A 63 8.60 12.17 -21.55
N ALA A 64 7.34 12.18 -22.00
CA ALA A 64 6.55 13.40 -21.92
C ALA A 64 6.06 13.56 -20.51
N SER A 65 5.87 14.81 -20.05
CA SER A 65 5.47 14.97 -18.66
C SER A 65 4.06 14.37 -18.46
N TYR A 66 3.20 14.37 -19.49
CA TYR A 66 1.89 13.72 -19.35
C TYR A 66 2.04 12.22 -19.08
N ASP A 67 3.12 11.60 -19.56
CA ASP A 67 3.36 10.16 -19.45
C ASP A 67 3.80 9.72 -18.06
N ALA A 68 4.41 10.62 -17.27
CA ALA A 68 5.13 10.23 -16.06
C ALA A 68 4.23 9.46 -15.11
N PRO A 69 3.00 9.92 -14.77
CA PRO A 69 2.18 9.16 -13.83
C PRO A 69 1.85 7.76 -14.31
N ALA A 70 1.70 7.61 -15.63
CA ALA A 70 1.35 6.32 -16.22
C ALA A 70 2.55 5.39 -16.07
N VAL A 71 3.76 5.89 -16.33
CA VAL A 71 4.93 5.05 -16.22
C VAL A 71 5.06 4.50 -14.81
N ASP A 72 4.91 5.37 -13.80
CA ASP A 72 5.03 4.95 -12.41
C ASP A 72 3.90 4.02 -11.96
N ALA A 73 2.65 4.34 -12.32
CA ALA A 73 1.55 3.45 -11.93
C ALA A 73 1.81 2.06 -12.48
N HIS A 74 2.27 2.00 -13.72
CA HIS A 74 2.45 0.74 -14.44
C HIS A 74 3.62 -0.01 -13.83
N TYR A 75 4.72 0.69 -13.60
CA TYR A 75 5.91 0.05 -13.09
C TYR A 75 5.72 -0.42 -11.65
N TYR A 76 5.13 0.45 -10.83
CA TYR A 76 5.03 0.15 -9.40
C TYR A 76 3.95 -0.91 -9.16
N ALA A 77 2.94 -1.00 -10.02
CA ALA A 77 2.03 -2.13 -9.92
C ALA A 77 2.79 -3.43 -10.15
N GLY A 78 3.74 -3.44 -11.10
CA GLY A 78 4.54 -4.64 -11.36
C GLY A 78 5.40 -5.02 -10.15
N VAL A 79 6.03 -4.01 -9.54
CA VAL A 79 6.85 -4.25 -8.37
C VAL A 79 6.00 -4.85 -7.25
N THR A 80 4.80 -4.32 -7.05
CA THR A 80 3.94 -4.79 -5.98
C THR A 80 3.52 -6.21 -6.26
N TYR A 81 3.16 -6.51 -7.52
CA TYR A 81 2.82 -7.87 -7.94
C TYR A 81 3.99 -8.80 -7.60
N ASP A 82 5.21 -8.35 -7.90
CA ASP A 82 6.39 -9.17 -7.66
C ASP A 82 6.56 -9.44 -6.18
N TYR A 83 6.38 -8.42 -5.34
CA TYR A 83 6.52 -8.57 -3.90
C TYR A 83 5.58 -9.67 -3.46
N TYR A 84 4.31 -9.58 -3.85
CA TYR A 84 3.37 -10.51 -3.30
C TYR A 84 3.66 -11.94 -3.79
N LYS A 85 4.08 -12.04 -5.04
CA LYS A 85 4.37 -13.35 -5.61
C LYS A 85 5.61 -13.93 -4.94
N ASN A 86 6.68 -13.15 -4.89
CA ASN A 86 7.97 -13.67 -4.47
C ASN A 86 8.05 -13.87 -2.98
N VAL A 87 7.44 -12.98 -2.20
CA VAL A 87 7.59 -13.01 -0.75
C VAL A 87 6.47 -13.85 -0.14
N HIS A 88 5.25 -13.77 -0.68
CA HIS A 88 4.12 -14.38 -0.01
C HIS A 88 3.44 -15.46 -0.83
N ASN A 89 3.98 -15.78 -2.00
N ASN A 89 3.95 -15.71 -2.04
CA ASN A 89 3.40 -16.82 -2.85
CA ASN A 89 3.48 -16.79 -2.89
C ASN A 89 1.94 -16.50 -3.11
C ASN A 89 2.06 -16.52 -3.37
N ARG A 90 1.70 -15.24 -3.47
CA ARG A 90 0.35 -14.81 -3.83
C ARG A 90 0.39 -14.26 -5.24
N LEU A 91 -0.49 -14.82 -6.08
CA LEU A 91 -0.59 -14.46 -7.47
C LEU A 91 -1.67 -13.40 -7.64
N SER A 92 -1.22 -12.16 -7.78
CA SER A 92 -2.08 -11.00 -7.86
C SER A 92 -2.95 -10.83 -6.61
N TYR A 93 -3.91 -9.93 -6.63
CA TYR A 93 -4.63 -9.59 -5.43
C TYR A 93 -5.67 -10.63 -5.08
N ASP A 94 -6.14 -11.40 -6.07
CA ASP A 94 -7.16 -12.39 -5.77
C ASP A 94 -6.55 -13.77 -5.55
N GLY A 95 -5.23 -13.90 -5.65
CA GLY A 95 -4.59 -15.20 -5.52
C GLY A 95 -4.71 -16.05 -6.80
N ASN A 96 -5.32 -15.51 -7.85
CA ASN A 96 -5.51 -16.29 -9.06
C ASN A 96 -5.13 -15.45 -10.27
N ASN A 97 -4.17 -14.54 -10.09
CA ASN A 97 -3.57 -13.76 -11.18
C ASN A 97 -4.54 -12.82 -11.89
N ALA A 98 -5.47 -12.24 -11.14
CA ALA A 98 -6.36 -11.21 -11.67
C ALA A 98 -5.55 -10.09 -12.30
N ALA A 99 -6.02 -9.62 -13.45
CA ALA A 99 -5.48 -8.43 -14.09
C ALA A 99 -5.57 -7.25 -13.14
N ILE A 100 -4.49 -6.49 -13.16
CA ILE A 100 -4.38 -5.29 -12.36
C ILE A 100 -4.54 -4.10 -13.30
N ARG A 101 -5.47 -3.24 -12.96
CA ARG A 101 -5.79 -2.11 -13.78
C ARG A 101 -5.65 -0.85 -12.96
N SER A 102 -5.07 0.18 -13.57
CA SER A 102 -4.87 1.47 -12.94
C SER A 102 -5.26 2.52 -13.96
N SER A 103 -5.88 3.58 -13.49
CA SER A 103 -6.15 4.77 -14.29
C SER A 103 -5.41 5.93 -13.66
N VAL A 104 -4.73 6.71 -14.50
CA VAL A 104 -4.07 7.92 -14.04
C VAL A 104 -4.73 9.13 -14.71
N HIS A 105 -4.35 10.34 -14.27
CA HIS A 105 -4.93 11.57 -14.76
C HIS A 105 -6.44 11.58 -14.46
N TYR A 106 -6.78 11.07 -13.31
CA TYR A 106 -8.16 11.08 -12.83
C TYR A 106 -8.53 12.45 -12.32
N SER A 107 -9.60 12.98 -12.93
CA SER A 107 -10.13 14.28 -12.59
C SER A 107 -9.07 15.37 -12.78
N GLN A 108 -9.29 16.52 -12.13
CA GLN A 108 -8.37 17.65 -12.23
C GLN A 108 -7.99 18.09 -10.83
N GLY A 109 -6.70 18.17 -10.58
CA GLY A 109 -6.23 18.64 -9.30
C GLY A 109 -6.61 17.71 -8.14
N TYR A 110 -6.73 16.40 -8.41
CA TYR A 110 -7.28 15.50 -7.44
C TYR A 110 -6.19 14.95 -6.53
N ASN A 111 -6.34 15.22 -5.22
CA ASN A 111 -5.27 14.99 -4.25
C ASN A 111 -5.46 13.65 -3.57
N ASN A 112 -5.67 12.60 -4.34
CA ASN A 112 -5.94 11.31 -3.76
C ASN A 112 -5.69 10.22 -4.79
N ALA A 113 -5.54 9.02 -4.26
CA ALA A 113 -5.51 7.78 -5.03
C ALA A 113 -6.36 6.80 -4.25
N PHE A 114 -6.90 5.79 -4.94
CA PHE A 114 -7.76 4.84 -4.28
C PHE A 114 -7.90 3.55 -5.09
N TRP A 115 -8.30 2.52 -4.38
CA TRP A 115 -8.81 1.29 -4.92
C TRP A 115 -10.32 1.38 -4.84
N ASN A 116 -11.01 1.12 -5.94
CA ASN A 116 -12.44 1.35 -5.98
C ASN A 116 -13.24 0.04 -5.95
N GLY A 117 -12.58 -1.09 -5.70
CA GLY A 117 -13.21 -2.39 -5.72
C GLY A 117 -12.96 -3.17 -7.01
N SER A 118 -12.49 -2.48 -8.07
CA SER A 118 -12.22 -3.05 -9.37
C SER A 118 -10.83 -2.68 -9.87
N GLN A 119 -10.34 -1.49 -9.52
CA GLN A 119 -9.11 -0.96 -10.08
C GLN A 119 -8.57 0.15 -9.18
N MET A 120 -7.33 0.52 -9.48
CA MET A 120 -6.66 1.60 -8.79
C MET A 120 -6.89 2.87 -9.61
N VAL A 121 -6.95 4.01 -8.91
CA VAL A 121 -7.20 5.28 -9.51
C VAL A 121 -6.24 6.27 -8.90
N TYR A 122 -5.60 7.10 -9.73
CA TYR A 122 -4.61 8.05 -9.23
C TYR A 122 -4.90 9.43 -9.76
N GLY A 123 -5.04 10.39 -8.86
CA GLY A 123 -5.11 11.78 -9.23
C GLY A 123 -3.71 12.31 -9.59
N ASP A 124 -3.67 13.52 -10.17
CA ASP A 124 -2.41 14.18 -10.46
C ASP A 124 -1.96 15.09 -9.31
N GLY A 125 -2.83 15.26 -8.31
CA GLY A 125 -2.55 16.24 -7.27
C GLY A 125 -2.78 17.64 -7.80
N ASP A 126 -2.72 18.63 -6.93
CA ASP A 126 -2.91 20.01 -7.33
C ASP A 126 -1.57 20.69 -7.52
N GLY A 127 -0.46 19.97 -7.35
CA GLY A 127 0.88 20.48 -7.60
C GLY A 127 1.47 21.20 -6.38
N GLN A 128 0.68 21.34 -5.30
CA GLN A 128 1.13 22.00 -4.07
C GLN A 128 1.03 21.00 -2.92
N THR A 129 -0.13 20.38 -2.71
CA THR A 129 -0.27 19.41 -1.66
C THR A 129 0.35 18.09 -2.12
N PHE A 130 0.12 17.76 -3.42
CA PHE A 130 0.57 16.50 -3.97
C PHE A 130 1.02 16.75 -5.40
N ILE A 131 2.00 15.96 -5.82
CA ILE A 131 2.24 15.70 -7.24
C ILE A 131 1.63 14.34 -7.56
N PRO A 132 1.62 13.88 -8.85
CA PRO A 132 0.87 12.68 -9.18
C PRO A 132 1.18 11.50 -8.26
N LEU A 133 0.11 10.92 -7.74
CA LEU A 133 0.21 10.07 -6.58
C LEU A 133 0.89 8.75 -6.90
N SER A 134 0.88 8.35 -8.18
CA SER A 134 1.52 7.11 -8.55
C SER A 134 3.04 7.19 -8.47
N GLY A 135 3.61 8.39 -8.26
CA GLY A 135 5.03 8.55 -8.03
C GLY A 135 5.53 7.96 -6.70
N GLY A 136 4.61 7.56 -5.83
CA GLY A 136 5.00 7.00 -4.55
C GLY A 136 4.76 5.50 -4.54
N ILE A 137 5.84 4.74 -4.41
CA ILE A 137 5.70 3.31 -4.46
C ILE A 137 4.89 2.85 -3.25
N ASP A 138 5.01 3.55 -2.12
CA ASP A 138 4.24 3.15 -0.96
C ASP A 138 2.75 3.41 -1.17
N VAL A 139 2.40 4.45 -1.90
CA VAL A 139 1.02 4.77 -2.24
C VAL A 139 0.44 3.67 -3.15
N VAL A 140 1.17 3.35 -4.21
CA VAL A 140 0.72 2.33 -5.15
C VAL A 140 0.50 1.01 -4.41
N ALA A 141 1.48 0.61 -3.61
CA ALA A 141 1.35 -0.66 -2.92
C ALA A 141 0.26 -0.59 -1.85
N HIS A 142 0.04 0.58 -1.25
CA HIS A 142 -1.08 0.78 -0.32
C HIS A 142 -2.41 0.49 -1.02
N GLU A 143 -2.59 1.05 -2.20
CA GLU A 143 -3.83 0.87 -2.94
C GLU A 143 -4.02 -0.57 -3.35
N LEU A 144 -2.96 -1.19 -3.88
N LEU A 144 -2.96 -1.20 -3.89
CA LEU A 144 -3.09 -2.56 -4.34
CA LEU A 144 -3.09 -2.57 -4.36
C LEU A 144 -3.36 -3.48 -3.16
C LEU A 144 -3.34 -3.50 -3.17
N THR A 145 -2.81 -3.14 -2.00
CA THR A 145 -3.06 -3.92 -0.80
C THR A 145 -4.55 -3.86 -0.41
N HIS A 146 -5.25 -2.77 -0.70
CA HIS A 146 -6.69 -2.73 -0.44
C HIS A 146 -7.39 -3.86 -1.23
N ALA A 147 -6.87 -4.14 -2.43
CA ALA A 147 -7.46 -5.19 -3.25
C ALA A 147 -7.23 -6.54 -2.59
N VAL A 148 -6.01 -6.76 -2.06
CA VAL A 148 -5.68 -7.98 -1.34
C VAL A 148 -6.66 -8.16 -0.16
N THR A 149 -6.84 -7.10 0.62
CA THR A 149 -7.70 -7.13 1.77
C THR A 149 -9.13 -7.48 1.35
N ASP A 150 -9.61 -6.82 0.30
CA ASP A 150 -10.96 -7.08 -0.20
C ASP A 150 -11.21 -8.55 -0.52
N TYR A 151 -10.20 -9.25 -1.09
CA TYR A 151 -10.36 -10.64 -1.49
C TYR A 151 -10.07 -11.60 -0.37
N THR A 152 -9.57 -11.10 0.78
CA THR A 152 -9.24 -11.99 1.88
C THR A 152 -10.12 -11.66 3.06
N ALA A 153 -9.60 -10.88 4.03
CA ALA A 153 -10.36 -10.60 5.23
C ALA A 153 -11.66 -9.85 4.95
N GLY A 154 -11.63 -8.91 3.99
CA GLY A 154 -12.80 -8.14 3.62
C GLY A 154 -13.21 -7.11 4.66
N LEU A 155 -12.20 -6.58 5.37
CA LEU A 155 -12.42 -5.61 6.42
C LEU A 155 -13.28 -4.46 5.93
N ILE A 156 -14.40 -4.23 6.62
CA ILE A 156 -15.35 -3.17 6.31
C ILE A 156 -14.61 -1.84 6.55
N TYR A 157 -14.86 -0.87 5.69
CA TYR A 157 -14.13 0.39 5.74
C TYR A 157 -14.81 1.41 6.66
N GLN A 158 -14.97 1.05 7.92
CA GLN A 158 -15.60 1.88 8.92
C GLN A 158 -14.97 1.50 10.26
N ASN A 159 -14.78 2.47 11.17
CA ASN A 159 -14.51 2.20 12.58
C ASN A 159 -13.21 1.41 12.68
N GLU A 160 -13.15 0.48 13.62
CA GLU A 160 -11.89 -0.20 13.88
C GLU A 160 -11.49 -1.10 12.73
N SER A 161 -12.49 -1.76 12.12
N SER A 161 -12.46 -1.79 12.10
CA SER A 161 -12.24 -2.65 11.00
CA SER A 161 -12.10 -2.68 11.01
C SER A 161 -11.55 -1.89 9.88
C SER A 161 -11.53 -1.89 9.84
N GLY A 162 -12.05 -0.68 9.62
CA GLY A 162 -11.53 0.16 8.58
C GLY A 162 -10.14 0.71 8.90
N ALA A 163 -9.90 1.03 10.17
CA ALA A 163 -8.55 1.44 10.56
C ALA A 163 -7.56 0.29 10.37
N ILE A 164 -7.96 -0.95 10.65
CA ILE A 164 -7.10 -2.09 10.38
C ILE A 164 -6.83 -2.17 8.88
N ASN A 165 -7.90 -2.02 8.09
CA ASN A 165 -7.81 -2.06 6.66
C ASN A 165 -6.75 -1.06 6.16
N GLU A 166 -6.85 0.17 6.65
CA GLU A 166 -5.87 1.22 6.32
C GLU A 166 -4.47 0.85 6.75
N ALA A 167 -4.33 0.37 7.98
CA ALA A 167 -3.02 0.06 8.54
C ALA A 167 -2.34 -1.02 7.72
N ILE A 168 -3.12 -2.05 7.36
CA ILE A 168 -2.63 -3.15 6.55
C ILE A 168 -2.04 -2.57 5.27
N SER A 169 -2.77 -1.65 4.62
CA SER A 169 -2.30 -1.00 3.42
C SER A 169 -1.01 -0.19 3.66
N ASP A 170 -0.90 0.49 4.79
CA ASP A 170 0.32 1.23 5.11
C ASP A 170 1.48 0.28 5.39
N ILE A 171 1.21 -0.79 6.13
CA ILE A 171 2.24 -1.76 6.45
C ILE A 171 2.82 -2.39 5.18
N PHE A 172 1.95 -2.96 4.34
CA PHE A 172 2.44 -3.60 3.13
C PHE A 172 2.97 -2.55 2.15
N GLY A 173 2.42 -1.34 2.11
CA GLY A 173 3.00 -0.37 1.23
C GLY A 173 4.44 -0.08 1.62
N THR A 174 4.68 0.03 2.93
CA THR A 174 6.03 0.24 3.43
C THR A 174 6.91 -0.97 3.10
N LEU A 175 6.41 -2.17 3.35
CA LEU A 175 7.17 -3.38 3.06
C LEU A 175 7.54 -3.45 1.60
N VAL A 176 6.65 -2.99 0.70
CA VAL A 176 7.00 -2.99 -0.70
C VAL A 176 8.09 -1.95 -0.97
N GLU A 177 7.96 -0.77 -0.36
CA GLU A 177 9.00 0.24 -0.47
C GLU A 177 10.37 -0.30 -0.07
N PHE A 178 10.44 -1.08 1.01
CA PHE A 178 11.70 -1.69 1.42
C PHE A 178 12.14 -2.77 0.45
N TYR A 179 11.22 -3.57 -0.07
CA TYR A 179 11.54 -4.62 -1.02
C TYR A 179 12.16 -4.03 -2.29
N ALA A 180 11.62 -2.93 -2.78
CA ALA A 180 12.17 -2.30 -3.97
C ALA A 180 13.41 -1.51 -3.63
N ASN A 181 13.65 -1.28 -2.34
CA ASN A 181 14.80 -0.54 -1.87
C ASN A 181 14.81 0.86 -2.50
N LYS A 182 13.66 1.52 -2.60
CA LYS A 182 13.57 2.88 -3.15
C LYS A 182 13.58 3.85 -1.97
N ASN A 183 14.77 4.21 -1.44
CA ASN A 183 14.91 5.11 -0.29
C ASN A 183 13.89 4.80 0.80
N PRO A 184 13.90 3.59 1.36
CA PRO A 184 12.79 3.14 2.17
C PRO A 184 12.75 3.82 3.53
N ASP A 185 11.56 3.99 4.07
CA ASP A 185 11.36 4.55 5.38
C ASP A 185 10.04 4.01 5.93
N TRP A 186 9.68 4.49 7.11
CA TRP A 186 8.43 4.13 7.77
C TRP A 186 7.45 5.29 7.69
N GLU A 187 7.57 6.08 6.64
CA GLU A 187 6.67 7.20 6.40
C GLU A 187 5.82 6.81 5.18
N ILE A 188 4.67 7.46 5.08
CA ILE A 188 3.78 7.19 3.98
C ILE A 188 3.64 8.44 3.09
N GLY A 189 3.95 8.28 1.79
CA GLY A 189 3.58 9.26 0.78
C GLY A 189 4.61 10.39 0.66
N GLU A 190 5.78 10.19 1.27
CA GLU A 190 6.80 11.23 1.37
C GLU A 190 7.23 11.67 -0.02
N ASP A 191 7.24 10.75 -0.99
CA ASP A 191 7.78 11.10 -2.28
C ASP A 191 6.83 11.99 -3.06
N VAL A 192 5.55 12.02 -2.72
CA VAL A 192 4.61 12.76 -3.56
C VAL A 192 3.89 13.86 -2.80
N TYR A 193 4.14 13.97 -1.50
CA TYR A 193 3.41 14.93 -0.69
C TYR A 193 4.22 16.23 -0.57
N THR A 194 3.55 17.37 -0.69
CA THR A 194 4.12 18.70 -0.50
C THR A 194 5.48 18.83 -1.12
N PRO A 195 5.54 18.94 -2.47
CA PRO A 195 6.81 19.04 -3.16
C PRO A 195 7.60 20.27 -2.69
N GLY A 196 6.89 21.28 -2.19
CA GLY A 196 7.57 22.47 -1.64
C GLY A 196 8.27 22.26 -0.28
N ILE A 197 7.96 21.18 0.44
CA ILE A 197 8.40 21.00 1.83
C ILE A 197 9.19 19.70 1.97
N SER A 198 10.42 19.80 2.45
CA SER A 198 11.25 18.64 2.68
C SER A 198 10.92 17.95 4.01
N GLY A 199 11.09 16.62 4.02
CA GLY A 199 11.13 15.83 5.24
C GLY A 199 9.78 15.49 5.84
N ASP A 200 8.67 15.84 5.17
CA ASP A 200 7.36 15.52 5.72
C ASP A 200 6.77 14.32 4.96
N SER A 201 5.55 13.99 5.32
CA SER A 201 4.81 12.88 4.72
C SER A 201 3.36 12.99 5.14
N LEU A 202 2.52 12.13 4.57
CA LEU A 202 1.10 12.13 4.88
C LEU A 202 0.85 11.54 6.26
N ARG A 203 1.54 10.45 6.54
CA ARG A 203 1.42 9.72 7.78
C ARG A 203 2.78 9.18 8.13
N SER A 204 3.00 8.94 9.45
CA SER A 204 4.20 8.31 9.92
C SER A 204 3.83 7.04 10.67
N MET A 205 4.52 5.93 10.34
CA MET A 205 4.35 4.72 11.10
C MET A 205 5.23 4.75 12.36
N SER A 206 6.41 5.36 12.23
CA SER A 206 7.37 5.38 13.32
C SER A 206 6.90 6.30 14.44
N ASP A 207 6.20 7.37 14.05
CA ASP A 207 5.72 8.32 15.03
C ASP A 207 4.45 8.94 14.51
N PRO A 208 3.32 8.23 14.58
CA PRO A 208 2.08 8.76 14.03
C PRO A 208 1.69 10.15 14.59
N ALA A 209 2.07 10.40 15.85
CA ALA A 209 1.70 11.62 16.55
C ALA A 209 2.36 12.86 15.96
N LYS A 210 3.44 12.65 15.19
CA LYS A 210 4.07 13.73 14.45
C LYS A 210 3.05 14.55 13.66
N TYR A 211 2.06 13.90 13.04
CA TYR A 211 1.01 14.59 12.30
C TYR A 211 -0.33 14.54 13.01
N GLY A 212 -0.32 14.28 14.32
CA GLY A 212 -1.53 14.35 15.12
C GLY A 212 -2.35 13.07 15.05
N ASP A 213 -1.76 11.96 14.55
CA ASP A 213 -2.49 10.71 14.63
C ASP A 213 -2.16 10.01 15.93
N PRO A 214 -3.12 9.25 16.47
CA PRO A 214 -2.90 8.53 17.72
C PRO A 214 -1.85 7.45 17.62
N ASP A 215 -1.15 7.26 18.75
CA ASP A 215 -0.13 6.23 18.85
C ASP A 215 -0.40 5.33 20.05
N HIS A 216 -1.64 5.41 20.56
CA HIS A 216 -2.06 4.64 21.69
C HIS A 216 -3.57 4.59 21.63
N TYR A 217 -4.12 3.45 22.05
CA TYR A 217 -5.55 3.20 21.97
C TYR A 217 -6.36 4.20 22.80
N SER A 218 -5.76 4.69 23.89
CA SER A 218 -6.41 5.66 24.77
C SER A 218 -6.62 6.99 24.01
N LYS A 219 -5.92 7.19 22.89
CA LYS A 219 -6.02 8.43 22.12
C LYS A 219 -6.81 8.23 20.84
N ARG A 220 -7.55 7.12 20.75
CA ARG A 220 -8.27 6.81 19.53
C ARG A 220 -9.39 7.82 19.34
N TYR A 221 -9.66 8.08 18.06
CA TYR A 221 -10.73 8.96 17.62
C TYR A 221 -12.03 8.20 17.59
N THR A 222 -13.09 8.74 18.20
CA THR A 222 -14.36 8.00 18.28
C THR A 222 -15.51 8.72 17.59
N GLY A 223 -15.28 9.86 16.93
CA GLY A 223 -16.32 10.50 16.13
C GLY A 223 -16.56 9.86 14.77
N THR A 224 -17.15 10.64 13.87
CA THR A 224 -17.77 10.07 12.68
C THR A 224 -17.01 10.48 11.42
N GLN A 225 -16.12 11.47 11.49
CA GLN A 225 -15.35 11.95 10.34
C GLN A 225 -14.50 10.77 9.82
N ASP A 226 -14.23 10.75 8.52
CA ASP A 226 -13.29 9.81 7.92
C ASP A 226 -13.73 8.38 8.21
N ASN A 227 -15.03 8.13 8.03
CA ASN A 227 -15.59 6.81 8.26
C ASN A 227 -15.31 6.31 9.66
N GLY A 228 -15.37 7.20 10.64
CA GLY A 228 -15.03 6.81 12.00
C GLY A 228 -13.51 6.72 12.19
N GLY A 229 -12.71 7.48 11.45
CA GLY A 229 -11.29 7.63 11.76
C GLY A 229 -10.37 6.57 11.15
N VAL A 230 -10.71 6.08 9.96
CA VAL A 230 -9.95 4.96 9.39
C VAL A 230 -8.52 5.35 9.07
N HIS A 231 -8.29 6.61 8.67
CA HIS A 231 -6.94 7.07 8.40
C HIS A 231 -6.25 7.65 9.64
N ILE A 232 -7.00 7.85 10.71
CA ILE A 232 -6.52 8.45 11.95
C ILE A 232 -6.12 7.32 12.90
N ASN A 233 -7.06 6.41 13.19
CA ASN A 233 -6.81 5.33 14.15
C ASN A 233 -5.90 4.24 13.60
N SER A 234 -5.64 4.26 12.30
CA SER A 234 -4.65 3.37 11.72
C SER A 234 -3.31 3.61 12.39
N GLY A 235 -3.09 4.82 12.88
CA GLY A 235 -1.79 5.11 13.48
C GLY A 235 -1.48 4.23 14.67
N ILE A 236 -2.49 3.73 15.38
CA ILE A 236 -2.28 2.87 16.53
C ILE A 236 -1.69 1.53 16.10
N ILE A 237 -2.24 1.01 15.01
CA ILE A 237 -1.77 -0.26 14.47
C ILE A 237 -0.42 -0.08 13.78
N ASN A 238 -0.26 1.03 13.07
CA ASN A 238 0.98 1.31 12.37
C ASN A 238 2.14 1.33 13.38
N LYS A 239 1.94 2.02 14.49
CA LYS A 239 2.95 2.09 15.53
C LYS A 239 3.25 0.70 16.07
N ALA A 240 2.22 -0.11 16.26
CA ALA A 240 2.45 -1.47 16.74
C ALA A 240 3.29 -2.26 15.73
N ALA A 241 2.98 -2.14 14.43
CA ALA A 241 3.72 -2.87 13.43
C ALA A 241 5.17 -2.39 13.37
N TYR A 242 5.36 -1.09 13.49
CA TYR A 242 6.70 -0.50 13.49
C TYR A 242 7.50 -1.05 14.69
N LEU A 243 6.86 -1.11 15.86
CA LEU A 243 7.47 -1.67 17.06
C LEU A 243 7.84 -3.14 16.89
N ILE A 244 6.94 -3.92 16.28
CA ILE A 244 7.22 -5.33 16.07
C ILE A 244 8.48 -5.50 15.24
N SER A 245 8.60 -4.71 14.18
CA SER A 245 9.71 -4.81 13.27
C SER A 245 10.97 -4.21 13.90
N GLN A 246 10.90 -2.97 14.38
CA GLN A 246 12.10 -2.19 14.67
C GLN A 246 12.41 -2.20 16.17
N GLY A 247 11.46 -2.56 17.00
CA GLY A 247 11.64 -2.49 18.43
C GLY A 247 11.59 -1.05 18.91
N GLY A 248 11.64 -0.91 20.23
CA GLY A 248 11.65 0.39 20.85
C GLY A 248 10.90 0.30 22.17
N THR A 249 10.90 1.42 22.87
CA THR A 249 10.15 1.53 24.09
C THR A 249 9.13 2.61 23.86
N HIS A 250 7.88 2.31 24.14
CA HIS A 250 6.81 3.25 23.83
C HIS A 250 5.86 3.23 25.00
N TYR A 251 5.60 4.43 25.55
CA TYR A 251 4.86 4.60 26.78
C TYR A 251 5.34 3.62 27.84
N GLY A 252 6.67 3.49 27.95
CA GLY A 252 7.26 2.70 29.02
C GLY A 252 7.30 1.21 28.72
N VAL A 253 6.74 0.77 27.59
CA VAL A 253 6.75 -0.66 27.29
C VAL A 253 7.80 -0.94 26.24
N SER A 254 8.69 -1.93 26.49
CA SER A 254 9.83 -2.18 25.63
C SER A 254 9.52 -3.36 24.71
N VAL A 255 9.89 -3.21 23.45
CA VAL A 255 9.57 -4.23 22.46
C VAL A 255 10.88 -4.58 21.78
N VAL A 256 11.20 -5.86 21.73
CA VAL A 256 12.34 -6.31 20.94
C VAL A 256 11.87 -6.48 19.51
N GLY A 257 12.53 -5.79 18.59
CA GLY A 257 12.14 -5.91 17.19
C GLY A 257 12.56 -7.26 16.60
N ILE A 258 11.74 -7.79 15.67
CA ILE A 258 12.01 -9.06 15.02
C ILE A 258 12.20 -8.90 13.53
N GLY A 259 12.10 -7.65 13.04
CA GLY A 259 12.51 -7.29 11.70
C GLY A 259 11.31 -7.31 10.73
N ARG A 260 11.52 -6.77 9.52
CA ARG A 260 10.46 -6.55 8.55
C ARG A 260 9.94 -7.83 7.94
N ASP A 261 10.81 -8.79 7.64
CA ASP A 261 10.41 -10.02 7.00
C ASP A 261 9.42 -10.75 7.87
N LYS A 262 9.71 -10.87 9.19
CA LYS A 262 8.81 -11.57 10.07
C LYS A 262 7.53 -10.76 10.26
N LEU A 263 7.65 -9.43 10.34
CA LEU A 263 6.45 -8.61 10.42
C LEU A 263 5.48 -8.95 9.28
N GLY A 264 6.02 -8.97 8.09
CA GLY A 264 5.27 -9.24 6.88
C GLY A 264 4.61 -10.61 6.95
N LYS A 265 5.39 -11.62 7.35
CA LYS A 265 4.86 -12.96 7.39
C LYS A 265 3.71 -13.03 8.40
N ILE A 266 3.88 -12.41 9.58
CA ILE A 266 2.85 -12.46 10.59
C ILE A 266 1.57 -11.77 10.11
N PHE A 267 1.70 -10.54 9.61
CA PHE A 267 0.53 -9.79 9.21
C PHE A 267 -0.16 -10.41 8.00
N TYR A 268 0.61 -11.01 7.09
CA TYR A 268 0.01 -11.60 5.91
C TYR A 268 -0.82 -12.82 6.34
N ARG A 269 -0.26 -13.62 7.26
CA ARG A 269 -0.98 -14.77 7.76
C ARG A 269 -2.24 -14.29 8.48
N ALA A 270 -2.11 -13.26 9.32
CA ALA A 270 -3.25 -12.75 10.04
C ALA A 270 -4.36 -12.32 9.07
N LEU A 271 -3.97 -11.58 8.03
CA LEU A 271 -4.88 -11.08 7.04
C LEU A 271 -5.60 -12.20 6.27
N THR A 272 -4.85 -13.24 5.90
CA THR A 272 -5.38 -14.21 4.96
C THR A 272 -6.02 -15.37 5.70
N GLN A 273 -5.72 -15.58 6.97
CA GLN A 273 -6.24 -16.73 7.68
C GLN A 273 -7.22 -16.37 8.78
N TYR A 274 -7.07 -15.22 9.45
CA TYR A 274 -7.75 -15.07 10.71
C TYR A 274 -8.67 -13.86 10.77
N LEU A 275 -8.37 -12.82 10.02
CA LEU A 275 -9.19 -11.63 10.12
C LEU A 275 -10.49 -11.83 9.33
N THR A 276 -11.54 -11.15 9.78
CA THR A 276 -12.82 -11.20 9.15
C THR A 276 -13.30 -9.78 8.89
N PRO A 277 -14.41 -9.60 8.17
CA PRO A 277 -14.85 -8.26 7.84
C PRO A 277 -15.05 -7.35 9.05
N THR A 278 -15.42 -7.86 10.22
CA THR A 278 -15.80 -7.00 11.34
C THR A 278 -14.73 -7.03 12.43
N SER A 279 -13.53 -7.51 12.11
CA SER A 279 -12.47 -7.61 13.09
C SER A 279 -12.18 -6.23 13.68
N ASN A 280 -12.04 -6.20 15.01
CA ASN A 280 -11.65 -4.99 15.70
C ASN A 280 -10.20 -5.12 16.14
N PHE A 281 -9.66 -4.11 16.85
CA PHE A 281 -8.23 -4.11 17.16
C PHE A 281 -7.86 -5.27 18.07
N SER A 282 -8.72 -5.52 19.04
CA SER A 282 -8.53 -6.62 19.96
C SER A 282 -8.44 -7.97 19.23
N GLN A 283 -9.29 -8.14 18.22
CA GLN A 283 -9.23 -9.34 17.41
C GLN A 283 -7.99 -9.37 16.53
N LEU A 284 -7.51 -8.21 16.08
CA LEU A 284 -6.29 -8.15 15.31
C LEU A 284 -5.14 -8.65 16.18
N ARG A 285 -5.10 -8.21 17.43
CA ARG A 285 -4.07 -8.68 18.34
C ARG A 285 -4.10 -10.21 18.42
N ALA A 286 -5.28 -10.78 18.64
CA ALA A 286 -5.42 -12.23 18.77
C ALA A 286 -4.94 -12.91 17.48
N ALA A 287 -5.29 -12.31 16.36
CA ALA A 287 -4.93 -12.88 15.06
C ALA A 287 -3.43 -12.84 14.86
N ALA A 288 -2.81 -11.72 15.24
CA ALA A 288 -1.38 -11.59 15.06
C ALA A 288 -0.66 -12.54 16.01
N VAL A 289 -1.17 -12.66 17.22
CA VAL A 289 -0.54 -13.58 18.16
C VAL A 289 -0.60 -15.01 17.65
N GLN A 290 -1.78 -15.42 17.18
CA GLN A 290 -2.01 -16.75 16.67
C GLN A 290 -1.12 -16.98 15.46
N SER A 291 -0.98 -15.96 14.61
CA SER A 291 -0.16 -16.07 13.41
C SER A 291 1.31 -16.32 13.76
N ALA A 292 1.83 -15.50 14.69
CA ALA A 292 3.19 -15.67 15.12
C ALA A 292 3.36 -17.05 15.79
N THR A 293 2.31 -17.49 16.54
CA THR A 293 2.33 -18.80 17.19
C THR A 293 2.45 -19.91 16.13
N ASP A 294 1.61 -19.86 15.09
CA ASP A 294 1.65 -20.78 13.97
C ASP A 294 3.05 -20.88 13.39
N LEU A 295 3.66 -19.73 13.14
CA LEU A 295 4.89 -19.68 12.37
C LEU A 295 6.10 -19.99 13.21
N TYR A 296 6.12 -19.55 14.47
CA TYR A 296 7.36 -19.53 15.25
C TYR A 296 7.23 -20.26 16.58
N GLY A 297 6.02 -20.63 17.00
CA GLY A 297 5.81 -21.35 18.26
C GLY A 297 5.41 -20.43 19.41
N SER A 298 4.66 -20.96 20.37
CA SER A 298 4.05 -20.11 21.39
C SER A 298 5.07 -19.56 22.38
N THR A 299 6.28 -20.12 22.48
CA THR A 299 7.26 -19.59 23.42
C THR A 299 8.35 -18.84 22.68
N SER A 300 8.11 -18.49 21.40
CA SER A 300 9.06 -17.73 20.62
C SER A 300 9.20 -16.28 21.05
N GLN A 301 10.35 -15.70 20.71
CA GLN A 301 10.53 -14.27 20.82
C GLN A 301 9.49 -13.54 19.96
N GLU A 302 9.18 -14.10 18.79
CA GLU A 302 8.29 -13.46 17.84
C GLU A 302 6.91 -13.23 18.46
N VAL A 303 6.35 -14.26 19.08
CA VAL A 303 5.12 -14.11 19.83
C VAL A 303 5.25 -13.06 20.92
N ALA A 304 6.33 -13.09 21.69
CA ALA A 304 6.51 -12.16 22.80
C ALA A 304 6.49 -10.72 22.29
N SER A 305 7.21 -10.48 21.20
CA SER A 305 7.31 -9.14 20.63
C SER A 305 5.96 -8.65 20.09
N VAL A 306 5.16 -9.54 19.49
CA VAL A 306 3.83 -9.12 19.07
C VAL A 306 3.00 -8.68 20.28
N LYS A 307 3.07 -9.45 21.37
CA LYS A 307 2.31 -9.11 22.55
C LYS A 307 2.77 -7.78 23.13
N GLN A 308 4.08 -7.61 23.24
CA GLN A 308 4.64 -6.38 23.80
C GLN A 308 4.17 -5.17 22.99
N ALA A 309 4.20 -5.30 21.64
CA ALA A 309 3.91 -4.19 20.74
C ALA A 309 2.45 -3.76 20.92
N PHE A 310 1.52 -4.72 20.99
CA PHE A 310 0.13 -4.36 21.20
C PHE A 310 -0.08 -3.83 22.62
N ASP A 311 0.59 -4.41 23.63
CA ASP A 311 0.54 -3.79 24.95
C ASP A 311 1.06 -2.36 24.91
N ALA A 312 2.13 -2.09 24.16
CA ALA A 312 2.69 -0.75 24.10
C ALA A 312 1.68 0.25 23.56
N VAL A 313 0.82 -0.15 22.61
CA VAL A 313 -0.18 0.76 22.08
C VAL A 313 -1.52 0.63 22.77
N GLY A 314 -1.58 -0.17 23.82
CA GLY A 314 -2.76 -0.20 24.64
C GLY A 314 -3.90 -1.03 24.06
N VAL A 315 -3.56 -2.04 23.23
CA VAL A 315 -4.56 -2.92 22.65
C VAL A 315 -4.50 -4.28 23.34
N LYS A 316 -5.60 -4.60 24.03
N LYS A 316 -5.52 -4.65 24.12
CA LYS A 316 -5.79 -5.83 24.78
CA LYS A 316 -5.45 -5.86 24.93
C LYS A 316 -6.52 -6.85 23.89
C LYS A 316 -6.59 -6.81 24.52
ZN ZN B . -6.14 3.26 2.03
CA CA C . 7.48 5.69 2.47
CA CA D . 10.79 6.57 0.96
CA CA E . 6.99 17.11 1.08
CA CA F . 6.04 8.27 -26.78
P PO4 G . -6.59 5.84 0.37
O1 PO4 G . -6.88 4.44 0.80
O2 PO4 G . -6.68 6.81 1.57
O3 PO4 G . -5.13 5.99 -0.19
O4 PO4 G . -7.63 6.24 -0.71
#